data_4ZKL
#
_entry.id   4ZKL
#
_cell.length_a   63.714
_cell.length_b   46.419
_cell.length_c   103.413
_cell.angle_alpha   90.00
_cell.angle_beta   97.41
_cell.angle_gamma   90.00
#
_symmetry.space_group_name_H-M   'P 1 21 1'
#
loop_
_entity.id
_entity.type
_entity.pdbx_description
1 polymer 'Histidine triad nucleotide-binding protein 1'
2 non-polymer 'ADENOSINE MONOPHOSPHATE'
3 non-polymer (2R,3R,4S,5R)-2-(6-aminopurin-9-yl)-5-[2-[[(2S)-3-[[(2R,3S,4R,5R)-5-(6-aminopurin-9-yl)-3,4-bis(oxidanyl)oxolan-2-yl]methoxy-sulfanyl-phosphoryl]oxy-2-oxidanyl-propoxy]-sulfanyl-phosphoryl]oxyethyl]oxolane-3,4-diol
4 water water
#
_entity_poly.entity_id   1
_entity_poly.type   'polypeptide(L)'
_entity_poly.pdbx_seq_one_letter_code
;MADEIAKAQVARPGGDTIFGKIIRKEIPAKIIFEDDRCLAFHDISPQAPTHFLVIPKKHISQISVAEDDDESLLGHLMIV
GKKCAADLGLNKGYRMVVNEGSDGGQSVYHVHLHVLGGRQMHWPPG
;
_entity_poly.pdbx_strand_id   A,B,C,D
#
loop_
_chem_comp.id
_chem_comp.type
_chem_comp.name
_chem_comp.formula
AMP non-polymer 'ADENOSINE MONOPHOSPHATE' 'C10 H14 N5 O7 P'
JB6 non-polymer (2R,3R,4S,5R)-2-(6-aminopurin-9-yl)-5-[2-[[(2S)-3-[[(2R,3S,4R,5R)-5-(6-aminopurin-9-yl)-3,4-bis(oxidanyl)oxolan-2-yl]methoxy-sulfanyl-phosphoryl]oxy-2-oxidanyl-propoxy]-sulfanyl-phosphoryl]oxyethyl]oxolane-3,4-diol 'C24 H34 N10 O13 P2 S2'
#
# COMPACT_ATOMS: atom_id res chain seq x y z
N GLY A 15 -27.06 7.68 31.02
CA GLY A 15 -27.90 8.30 29.98
C GLY A 15 -27.93 7.53 28.69
N ASP A 16 -29.02 7.73 27.96
CA ASP A 16 -29.39 6.86 26.84
C ASP A 16 -29.23 7.55 25.51
N THR A 17 -29.06 6.76 24.46
CA THR A 17 -28.78 7.24 23.17
C THR A 17 -29.64 6.57 22.17
N ILE A 18 -29.53 7.06 20.97
CA ILE A 18 -30.18 6.49 19.84
C ILE A 18 -29.82 5.05 19.60
N PHE A 19 -28.59 4.63 19.94
CA PHE A 19 -28.15 3.28 19.67
C PHE A 19 -28.78 2.31 20.66
N GLY A 20 -29.04 2.78 21.88
CA GLY A 20 -29.84 2.12 22.80
C GLY A 20 -31.26 1.80 22.16
N LYS A 21 -31.90 2.76 21.53
CA LYS A 21 -33.21 2.56 20.97
C LYS A 21 -33.10 1.57 19.88
N ILE A 22 -31.95 1.48 19.21
CA ILE A 22 -31.84 0.56 18.07
C ILE A 22 -31.72 -0.88 18.61
N ILE A 23 -31.01 -0.97 19.69
CA ILE A 23 -30.86 -2.21 20.39
C ILE A 23 -32.22 -2.73 20.92
N ARG A 24 -32.93 -1.87 21.62
CA ARG A 24 -34.26 -2.21 22.15
C ARG A 24 -35.30 -2.38 21.11
N LYS A 25 -34.98 -2.25 19.82
CA LYS A 25 -35.93 -2.33 18.68
C LYS A 25 -36.97 -1.28 18.69
N GLU A 26 -36.72 -0.13 19.34
CA GLU A 26 -37.68 0.93 19.46
C GLU A 26 -37.74 1.86 18.21
N ILE A 27 -36.68 1.87 17.40
CA ILE A 27 -36.72 2.49 16.09
C ILE A 27 -36.04 1.57 15.12
N PRO A 28 -36.43 1.64 13.87
CA PRO A 28 -35.99 0.69 12.88
C PRO A 28 -34.57 0.97 12.42
N ALA A 29 -33.89 -0.09 12.02
CA ALA A 29 -32.56 -0.09 11.43
C ALA A 29 -32.48 -1.35 10.54
N LYS A 30 -31.64 -1.34 9.53
CA LYS A 30 -31.46 -2.53 8.68
C LYS A 30 -30.34 -3.38 9.28
N ILE A 31 -30.76 -4.44 9.96
CA ILE A 31 -29.94 -5.28 10.79
C ILE A 31 -29.28 -6.27 9.96
N ILE A 32 -27.95 -6.37 10.13
CA ILE A 32 -27.15 -7.29 9.35
C ILE A 32 -26.94 -8.59 10.11
N PHE A 33 -26.77 -8.46 11.42
CA PHE A 33 -26.38 -9.49 12.27
C PHE A 33 -26.68 -9.12 13.74
N GLU A 34 -27.05 -10.16 14.51
CA GLU A 34 -27.23 -9.95 15.91
C GLU A 34 -26.82 -11.21 16.69
N ASP A 35 -26.20 -10.98 17.87
CA ASP A 35 -26.00 -12.03 18.81
C ASP A 35 -26.20 -11.58 20.21
N ASP A 36 -25.85 -12.40 21.20
CA ASP A 36 -26.24 -11.99 22.55
C ASP A 36 -25.45 -10.82 23.07
N ARG A 37 -24.34 -10.42 22.39
CA ARG A 37 -23.48 -9.39 23.00
C ARG A 37 -23.25 -8.14 22.07
N CYS A 38 -23.60 -8.27 20.79
CA CYS A 38 -23.47 -7.24 19.83
C CYS A 38 -24.60 -7.22 18.70
N LEU A 39 -24.59 -6.07 18.00
CA LEU A 39 -25.51 -5.84 16.91
C LEU A 39 -24.83 -5.13 15.76
N ALA A 40 -24.98 -5.62 14.53
CA ALA A 40 -24.54 -4.91 13.40
C ALA A 40 -25.66 -4.41 12.50
N PHE A 41 -25.53 -3.15 12.02
CA PHE A 41 -26.53 -2.57 11.14
C PHE A 41 -26.00 -1.43 10.29
N HIS A 42 -26.74 -1.18 9.21
CA HIS A 42 -26.35 -0.22 8.20
C HIS A 42 -26.40 1.17 8.77
N ASP A 43 -25.33 1.95 8.50
CA ASP A 43 -25.27 3.34 8.89
C ASP A 43 -26.28 4.13 8.09
N ILE A 44 -26.95 4.97 8.83
CA ILE A 44 -27.97 5.81 8.22
C ILE A 44 -27.48 6.98 7.36
N SER A 45 -26.25 7.44 7.59
CA SER A 45 -25.55 8.38 6.76
C SER A 45 -24.31 7.72 6.21
N PRO A 46 -24.45 6.90 5.20
CA PRO A 46 -23.32 6.24 4.70
C PRO A 46 -22.29 7.12 4.01
N GLN A 47 -21.01 6.84 4.24
CA GLN A 47 -19.82 7.53 3.68
C GLN A 47 -19.13 6.67 2.64
N ALA A 48 -19.76 5.53 2.29
CA ALA A 48 -19.20 4.58 1.30
C ALA A 48 -20.32 3.71 0.80
N PRO A 49 -20.16 3.11 -0.37
CA PRO A 49 -21.22 2.25 -0.90
C PRO A 49 -21.68 1.16 0.06
N THR A 50 -20.78 0.55 0.80
CA THR A 50 -21.18 -0.15 1.99
C THR A 50 -20.65 0.51 3.24
N HIS A 51 -21.50 0.79 4.21
CA HIS A 51 -21.05 1.37 5.45
C HIS A 51 -21.94 0.87 6.57
N PHE A 52 -21.39 0.14 7.55
CA PHE A 52 -22.20 -0.30 8.70
C PHE A 52 -21.54 -0.14 10.02
N LEU A 53 -22.31 -0.32 11.07
CA LEU A 53 -21.80 -0.29 12.42
C LEU A 53 -21.93 -1.64 13.18
N VAL A 54 -20.99 -1.94 14.04
CA VAL A 54 -21.12 -2.95 15.00
C VAL A 54 -21.02 -2.30 16.36
N ILE A 55 -21.98 -2.54 17.21
CA ILE A 55 -22.02 -2.10 18.53
C ILE A 55 -22.24 -3.21 19.56
N PRO A 56 -21.80 -2.98 20.78
CA PRO A 56 -22.05 -3.91 21.82
C PRO A 56 -23.31 -3.64 22.47
N LYS A 57 -23.97 -4.64 22.99
CA LYS A 57 -25.23 -4.42 23.72
C LYS A 57 -24.99 -3.80 25.07
N LYS A 58 -23.89 -4.08 25.66
CA LYS A 58 -23.49 -3.43 26.91
C LYS A 58 -23.13 -1.96 26.72
N HIS A 59 -23.59 -1.11 27.63
CA HIS A 59 -23.49 0.36 27.42
C HIS A 59 -22.16 0.86 27.92
N ILE A 60 -21.20 0.90 27.02
CA ILE A 60 -19.92 1.56 27.24
C ILE A 60 -20.10 2.87 26.44
N SER A 61 -20.11 3.96 27.15
CA SER A 61 -20.28 5.20 26.49
C SER A 61 -19.18 5.61 25.44
N GLN A 62 -17.93 5.15 25.65
CA GLN A 62 -16.81 5.45 24.69
C GLN A 62 -15.56 4.59 25.04
N ILE A 63 -14.76 4.30 24.04
CA ILE A 63 -13.61 3.42 24.20
C ILE A 63 -12.67 3.85 25.35
N SER A 64 -12.58 5.12 25.65
CA SER A 64 -11.67 5.58 26.73
C SER A 64 -12.03 5.09 28.14
N VAL A 65 -13.29 4.71 28.32
CA VAL A 65 -13.77 4.21 29.61
C VAL A 65 -14.01 2.67 29.60
N ALA A 66 -13.71 1.97 28.51
CA ALA A 66 -13.70 0.54 28.46
C ALA A 66 -12.58 0.04 29.41
N GLU A 67 -12.91 -1.03 30.14
CA GLU A 67 -11.96 -1.66 31.06
C GLU A 67 -11.34 -2.91 30.47
N ASP A 68 -10.38 -3.48 31.19
CA ASP A 68 -9.59 -4.65 30.69
C ASP A 68 -10.39 -5.94 30.50
N ASP A 69 -11.42 -6.10 31.28
CA ASP A 69 -12.32 -7.21 31.02
C ASP A 69 -13.34 -7.00 29.84
N ASP A 70 -13.33 -5.85 29.19
CA ASP A 70 -14.13 -5.61 27.96
C ASP A 70 -13.42 -6.07 26.70
N GLU A 71 -12.23 -6.59 26.91
CA GLU A 71 -11.34 -6.92 25.86
C GLU A 71 -11.85 -7.98 24.93
N SER A 72 -12.32 -9.04 25.47
CA SER A 72 -13.08 -10.02 24.63
C SER A 72 -14.30 -9.51 23.82
N LEU A 73 -15.07 -8.71 24.47
CA LEU A 73 -16.19 -8.04 23.73
C LEU A 73 -15.75 -7.12 22.57
N LEU A 74 -14.65 -6.30 22.80
CA LEU A 74 -14.18 -5.39 21.71
C LEU A 74 -13.65 -6.21 20.58
N GLY A 75 -12.94 -7.23 20.94
CA GLY A 75 -12.51 -8.18 19.94
C GLY A 75 -13.62 -8.78 19.13
N HIS A 76 -14.67 -9.19 19.86
CA HIS A 76 -15.84 -9.73 19.20
C HIS A 76 -16.43 -8.77 18.16
N LEU A 77 -16.48 -7.48 18.47
CA LEU A 77 -16.99 -6.50 17.51
C LEU A 77 -16.20 -6.55 16.21
N MET A 78 -14.85 -6.68 16.25
CA MET A 78 -14.06 -6.72 15.05
C MET A 78 -14.20 -7.96 14.26
N ILE A 79 -14.29 -9.11 14.91
CA ILE A 79 -14.52 -10.37 14.22
C ILE A 79 -15.89 -10.37 13.57
N VAL A 80 -16.88 -9.89 14.27
CA VAL A 80 -18.23 -9.66 13.62
C VAL A 80 -18.16 -8.70 12.40
N GLY A 81 -17.36 -7.62 12.54
CA GLY A 81 -17.18 -6.75 11.47
C GLY A 81 -16.64 -7.40 10.26
N LYS A 82 -15.63 -8.18 10.45
CA LYS A 82 -14.98 -8.73 9.26
C LYS A 82 -15.70 -9.90 8.66
N LYS A 83 -16.45 -10.58 9.49
CA LYS A 83 -17.42 -11.53 8.96
C LYS A 83 -18.57 -10.92 8.16
N CYS A 84 -19.17 -9.89 8.67
CA CYS A 84 -20.21 -9.13 7.89
C CYS A 84 -19.62 -8.51 6.64
N ALA A 85 -18.37 -8.02 6.69
CA ALA A 85 -17.75 -7.55 5.52
C ALA A 85 -17.70 -8.62 4.44
N ALA A 86 -17.27 -9.81 4.80
CA ALA A 86 -17.23 -10.90 3.82
C ALA A 86 -18.60 -11.32 3.31
N ASP A 87 -19.59 -11.39 4.19
CA ASP A 87 -20.98 -11.69 3.73
C ASP A 87 -21.58 -10.59 2.87
N LEU A 88 -21.14 -9.34 3.03
CA LEU A 88 -21.57 -8.21 2.18
C LEU A 88 -20.75 -8.06 0.91
N GLY A 89 -19.87 -8.97 0.56
CA GLY A 89 -19.26 -8.94 -0.74
C GLY A 89 -18.01 -8.07 -0.77
N LEU A 90 -17.55 -7.53 0.38
CA LEU A 90 -16.34 -6.62 0.45
C LEU A 90 -14.98 -7.25 0.34
N ASN A 91 -14.74 -7.86 -0.79
CA ASN A 91 -13.56 -8.67 -0.92
C ASN A 91 -12.35 -7.92 -1.40
N LYS A 92 -12.49 -6.67 -1.77
CA LYS A 92 -11.35 -5.84 -2.16
C LYS A 92 -10.84 -5.08 -0.97
N GLY A 93 -11.54 -5.14 0.16
CA GLY A 93 -11.05 -4.43 1.25
C GLY A 93 -12.07 -3.58 1.92
N TYR A 94 -11.63 -2.97 3.02
CA TYR A 94 -12.49 -2.18 3.86
C TYR A 94 -11.69 -1.52 4.93
N ARG A 95 -12.32 -0.64 5.68
CA ARG A 95 -11.64 0.07 6.72
C ARG A 95 -12.52 0.08 7.90
N MET A 96 -11.94 -0.17 9.04
CA MET A 96 -12.64 -0.11 10.30
C MET A 96 -12.23 1.10 11.09
N VAL A 97 -13.16 1.73 11.75
CA VAL A 97 -12.81 2.87 12.52
C VAL A 97 -13.50 2.91 13.80
N VAL A 98 -12.86 3.33 14.84
CA VAL A 98 -13.55 3.69 16.10
C VAL A 98 -13.14 5.12 16.42
N ASN A 99 -14.09 5.94 16.77
CA ASN A 99 -13.80 7.35 17.11
C ASN A 99 -14.00 7.61 18.59
N GLU A 100 -13.14 8.40 19.20
CA GLU A 100 -13.31 8.71 20.59
C GLU A 100 -13.32 10.25 20.80
N GLY A 101 -14.34 10.74 21.47
CA GLY A 101 -14.32 12.12 21.94
C GLY A 101 -14.43 13.10 20.80
N SER A 102 -14.29 14.36 21.11
CA SER A 102 -14.62 15.41 20.07
C SER A 102 -13.53 15.54 18.99
N ASP A 103 -12.23 15.45 19.37
CA ASP A 103 -11.17 15.39 18.33
C ASP A 103 -11.32 14.19 17.40
N GLY A 104 -11.81 13.07 17.90
CA GLY A 104 -11.98 11.88 17.07
C GLY A 104 -13.28 11.83 16.36
N GLY A 105 -14.14 12.75 16.70
CA GLY A 105 -15.28 13.06 15.88
C GLY A 105 -16.41 12.07 16.28
N GLN A 106 -16.42 11.66 17.56
CA GLN A 106 -17.43 10.71 18.02
C GLN A 106 -18.77 11.35 18.10
N SER A 107 -19.69 10.82 17.38
CA SER A 107 -21.04 11.43 17.45
C SER A 107 -22.02 10.91 18.56
N VAL A 108 -22.18 9.63 18.56
CA VAL A 108 -22.96 8.98 19.59
C VAL A 108 -22.13 8.45 20.69
N TYR A 109 -22.49 8.80 21.92
CA TYR A 109 -21.79 8.29 23.11
C TYR A 109 -22.22 6.82 23.61
N HIS A 110 -22.00 5.84 22.70
CA HIS A 110 -22.15 4.44 22.91
C HIS A 110 -21.15 3.91 21.93
N VAL A 111 -20.12 3.18 22.43
CA VAL A 111 -19.12 2.71 21.60
C VAL A 111 -19.54 2.00 20.35
N HIS A 112 -18.88 2.21 19.23
CA HIS A 112 -19.25 1.61 17.97
C HIS A 112 -18.17 1.60 16.98
N LEU A 113 -18.21 0.60 16.14
CA LEU A 113 -17.18 0.36 15.21
C LEU A 113 -17.73 0.58 13.88
N HIS A 114 -17.13 1.53 13.11
CA HIS A 114 -17.51 1.65 11.70
C HIS A 114 -16.81 0.74 10.82
N VAL A 115 -17.48 0.24 9.83
CA VAL A 115 -16.86 -0.52 8.76
C VAL A 115 -17.29 -0.04 7.40
N LEU A 116 -16.32 0.31 6.55
CA LEU A 116 -16.56 0.96 5.27
C LEU A 116 -15.89 0.33 4.15
N GLY A 117 -16.56 0.21 3.02
CA GLY A 117 -15.90 -0.28 1.82
C GLY A 117 -16.74 -0.10 0.60
N GLY A 118 -16.34 -0.70 -0.50
CA GLY A 118 -17.05 -0.56 -1.76
C GLY A 118 -16.47 0.52 -2.64
N ARG A 119 -15.40 1.19 -2.17
CA ARG A 119 -14.68 2.18 -2.95
C ARG A 119 -13.30 2.30 -2.35
N GLN A 120 -12.42 2.99 -3.05
CA GLN A 120 -11.09 3.20 -2.54
C GLN A 120 -11.17 4.18 -1.39
N MET A 121 -10.60 3.81 -0.26
CA MET A 121 -10.48 4.71 0.90
C MET A 121 -9.14 5.42 0.79
N HIS A 122 -9.05 6.60 1.33
CA HIS A 122 -7.92 7.48 1.14
C HIS A 122 -7.15 7.64 2.40
N TRP A 123 -5.93 8.12 2.30
CA TRP A 123 -5.09 8.40 3.47
C TRP A 123 -4.68 9.88 3.46
N PRO A 124 -4.70 10.62 4.57
CA PRO A 124 -4.99 10.19 5.93
C PRO A 124 -6.46 9.98 6.19
N PRO A 125 -6.87 9.30 7.28
CA PRO A 125 -8.29 8.84 7.45
C PRO A 125 -9.05 9.85 8.26
N GLY A 126 -9.25 11.03 7.66
CA GLY A 126 -9.73 12.23 8.35
C GLY A 126 -8.54 13.04 8.86
N PRO B 13 9.92 -14.67 15.07
CA PRO B 13 8.97 -14.22 16.07
C PRO B 13 7.82 -13.26 15.65
N GLY B 14 7.89 -12.62 14.46
CA GLY B 14 6.77 -11.77 13.94
C GLY B 14 6.45 -11.74 12.44
N GLY B 15 7.21 -12.45 11.59
CA GLY B 15 6.89 -12.58 10.13
C GLY B 15 7.88 -11.93 9.19
N ASP B 16 7.69 -12.18 7.89
CA ASP B 16 8.55 -11.61 6.83
C ASP B 16 8.09 -10.20 6.34
N THR B 17 7.73 -9.31 7.25
CA THR B 17 7.45 -7.92 6.94
C THR B 17 8.33 -7.06 7.79
N ILE B 18 8.31 -5.79 7.49
CA ILE B 18 8.96 -4.84 8.30
C ILE B 18 8.55 -4.84 9.77
N PHE B 19 7.31 -5.17 10.05
CA PHE B 19 6.84 -5.18 11.41
C PHE B 19 7.44 -6.29 12.22
N GLY B 20 7.68 -7.39 11.54
CA GLY B 20 8.42 -8.46 12.11
C GLY B 20 9.80 -8.01 12.58
N LYS B 21 10.54 -7.27 11.74
CA LYS B 21 11.81 -6.77 12.14
C LYS B 21 11.73 -5.84 13.31
N ILE B 22 10.64 -5.13 13.46
CA ILE B 22 10.49 -4.23 14.60
C ILE B 22 10.35 -5.03 15.88
N ILE B 23 9.56 -6.10 15.73
CA ILE B 23 9.23 -6.99 16.84
C ILE B 23 10.49 -7.71 17.35
N ARG B 24 11.25 -8.20 16.41
CA ARG B 24 12.58 -8.80 16.72
C ARG B 24 13.66 -7.77 17.07
N LYS B 25 13.38 -6.47 17.14
CA LYS B 25 14.35 -5.45 17.50
C LYS B 25 15.54 -5.36 16.53
N GLU B 26 15.34 -5.80 15.28
CA GLU B 26 16.31 -5.72 14.26
C GLU B 26 16.45 -4.31 13.60
N ILE B 27 15.42 -3.48 13.67
CA ILE B 27 15.46 -2.10 13.25
C ILE B 27 14.73 -1.29 14.28
N PRO B 28 15.09 -0.01 14.37
CA PRO B 28 14.65 0.78 15.51
C PRO B 28 13.24 1.26 15.28
N ALA B 29 12.57 1.53 16.40
CA ALA B 29 11.32 2.16 16.48
C ALA B 29 11.19 2.79 17.87
N LYS B 30 10.32 3.80 18.00
CA LYS B 30 10.15 4.49 19.25
C LYS B 30 8.99 3.85 19.93
N ILE B 31 9.31 2.92 20.84
CA ILE B 31 8.37 2.00 21.48
C ILE B 31 7.72 2.65 22.66
N ILE B 32 6.41 2.54 22.68
CA ILE B 32 5.57 3.19 23.67
C ILE B 32 5.19 2.22 24.74
N PHE B 33 4.97 0.98 24.33
CA PHE B 33 4.51 -0.08 25.24
C PHE B 33 4.80 -1.46 24.63
N GLU B 34 5.16 -2.39 25.49
CA GLU B 34 5.32 -3.75 25.04
C GLU B 34 4.93 -4.77 26.11
N ASP B 35 4.18 -5.85 25.63
CA ASP B 35 3.76 -6.93 26.49
C ASP B 35 3.79 -8.15 25.66
N ASP B 36 3.38 -9.23 26.31
CA ASP B 36 3.63 -10.51 25.65
C ASP B 36 2.79 -10.74 24.39
N ARG B 37 1.71 -9.97 24.22
N ARG B 37 1.72 -9.96 24.21
CA ARG B 37 0.85 -10.17 23.03
CA ARG B 37 0.86 -10.16 23.03
C ARG B 37 1.04 -9.11 21.99
C ARG B 37 1.04 -9.10 21.98
N CYS B 38 1.55 -7.94 22.35
CA CYS B 38 1.59 -6.84 21.45
C CYS B 38 2.67 -5.78 21.72
N LEU B 39 2.78 -4.90 20.74
CA LEU B 39 3.87 -3.80 20.69
C LEU B 39 3.23 -2.54 20.15
N ALA B 40 3.26 -1.47 20.90
CA ALA B 40 2.90 -0.15 20.34
C ALA B 40 4.15 0.78 20.09
N PHE B 41 4.15 1.46 18.94
CA PHE B 41 5.18 2.39 18.62
C PHE B 41 4.70 3.52 17.70
N HIS B 42 5.49 4.58 17.67
CA HIS B 42 5.27 5.74 16.84
C HIS B 42 5.37 5.45 15.32
N ASP B 43 4.32 5.89 14.58
CA ASP B 43 4.32 5.83 13.14
C ASP B 43 5.40 6.79 12.57
N ILE B 44 6.13 6.29 11.57
CA ILE B 44 7.22 6.97 11.02
C ILE B 44 6.83 8.08 10.11
N SER B 45 5.61 8.05 9.56
CA SER B 45 5.04 9.14 8.73
C SER B 45 3.77 9.56 9.37
N PRO B 46 3.87 10.29 10.47
CA PRO B 46 2.65 10.66 11.21
C PRO B 46 1.66 11.57 10.43
N GLN B 47 0.37 11.29 10.52
CA GLN B 47 -0.69 11.99 9.88
C GLN B 47 -1.41 12.80 10.91
N ALA B 48 -0.84 12.91 12.11
CA ALA B 48 -1.42 13.72 13.16
C ALA B 48 -0.32 14.01 14.14
N PRO B 49 -0.44 15.10 14.91
CA PRO B 49 0.49 15.38 15.92
C PRO B 49 0.86 14.20 16.85
N THR B 50 -0.04 13.44 17.32
CA THR B 50 0.38 12.06 17.82
C THR B 50 -0.24 10.94 16.92
N HIS B 51 0.57 10.03 16.44
CA HIS B 51 0.15 8.97 15.56
C HIS B 51 0.94 7.72 15.82
N PHE B 52 0.35 6.69 16.34
CA PHE B 52 1.08 5.42 16.60
C PHE B 52 0.37 4.17 16.15
N LEU B 53 1.08 3.06 16.17
CA LEU B 53 0.56 1.77 15.88
C LEU B 53 0.60 0.76 17.00
N VAL B 54 -0.45 -0.11 17.06
CA VAL B 54 -0.43 -1.25 17.98
C VAL B 54 -0.53 -2.47 17.16
N ILE B 55 0.49 -3.31 17.24
CA ILE B 55 0.46 -4.56 16.51
C ILE B 55 0.61 -5.82 17.41
N PRO B 56 0.11 -6.96 16.94
CA PRO B 56 0.19 -8.17 17.76
C PRO B 56 1.53 -8.76 17.46
N LYS B 57 2.13 -9.43 18.43
CA LYS B 57 3.36 -10.29 18.16
C LYS B 57 3.11 -11.51 17.30
N LYS B 58 1.94 -12.10 17.41
CA LYS B 58 1.56 -13.07 16.47
C LYS B 58 1.43 -12.55 15.04
N HIS B 59 1.91 -13.26 14.07
CA HIS B 59 1.73 -12.90 12.67
C HIS B 59 0.37 -13.30 12.04
N ILE B 60 -0.56 -12.36 12.07
CA ILE B 60 -1.77 -12.40 11.30
C ILE B 60 -1.58 -11.36 10.17
N SER B 61 -1.65 -11.84 8.94
CA SER B 61 -1.35 -11.03 7.83
C SER B 61 -2.33 -9.86 7.64
N GLN B 62 -3.60 -10.07 7.99
CA GLN B 62 -4.62 -9.08 7.80
C GLN B 62 -5.89 -9.51 8.50
N ILE B 63 -6.71 -8.56 8.92
CA ILE B 63 -7.91 -8.83 9.69
C ILE B 63 -8.89 -9.82 9.04
N SER B 64 -8.92 -9.87 7.71
CA SER B 64 -9.83 -10.78 7.02
C SER B 64 -9.58 -12.26 7.27
N VAL B 65 -8.35 -12.61 7.68
CA VAL B 65 -7.98 -14.02 7.97
C VAL B 65 -7.79 -14.31 9.45
N ALA B 66 -8.09 -13.33 10.31
CA ALA B 66 -8.08 -13.55 11.76
C ALA B 66 -9.14 -14.61 12.08
N GLU B 67 -8.86 -15.48 13.02
CA GLU B 67 -9.76 -16.50 13.40
C GLU B 67 -10.45 -16.16 14.69
N ASP B 68 -11.45 -16.98 15.04
CA ASP B 68 -12.33 -16.70 16.19
C ASP B 68 -11.64 -16.69 17.54
N ASP B 69 -10.61 -17.49 17.66
CA ASP B 69 -9.83 -17.44 18.87
C ASP B 69 -8.79 -16.25 18.89
N ASP B 70 -8.72 -15.39 17.84
CA ASP B 70 -7.90 -14.18 17.86
C ASP B 70 -8.62 -13.00 18.50
N GLU B 71 -9.83 -13.25 18.88
CA GLU B 71 -10.74 -12.25 19.33
C GLU B 71 -10.25 -11.54 20.56
N SER B 72 -9.78 -12.27 21.51
CA SER B 72 -9.21 -11.66 22.68
C SER B 72 -7.97 -10.77 22.35
N LEU B 73 -7.16 -11.25 21.43
CA LEU B 73 -6.01 -10.53 21.04
C LEU B 73 -6.33 -9.15 20.33
N LEU B 74 -7.31 -9.14 19.40
CA LEU B 74 -7.72 -7.92 18.72
C LEU B 74 -8.29 -6.99 19.71
N GLY B 75 -9.03 -7.53 20.63
CA GLY B 75 -9.45 -6.72 21.78
C GLY B 75 -8.28 -6.01 22.53
N HIS B 76 -7.25 -6.80 22.81
CA HIS B 76 -6.18 -6.33 23.54
C HIS B 76 -5.48 -5.18 22.84
N LEU B 77 -5.39 -5.26 21.53
CA LEU B 77 -4.80 -4.20 20.77
C LEU B 77 -5.55 -2.86 21.00
N MET B 78 -6.91 -2.84 21.00
CA MET B 78 -7.62 -1.69 21.31
C MET B 78 -7.46 -1.17 22.70
N ILE B 79 -7.47 -2.01 23.69
CA ILE B 79 -7.32 -1.62 25.08
C ILE B 79 -5.94 -1.02 25.26
N VAL B 80 -4.93 -1.57 24.59
CA VAL B 80 -3.56 -0.96 24.63
C VAL B 80 -3.58 0.42 23.95
N GLY B 81 -4.33 0.50 22.81
CA GLY B 81 -4.43 1.70 22.06
C GLY B 81 -5.00 2.79 22.93
N LYS B 82 -5.96 2.46 23.72
CA LYS B 82 -6.54 3.51 24.45
C LYS B 82 -5.86 3.86 25.72
N LYS B 83 -5.21 2.90 26.30
CA LYS B 83 -4.27 3.14 27.42
C LYS B 83 -3.18 4.06 26.99
N CYS B 84 -2.58 3.79 25.84
CA CYS B 84 -1.47 4.59 25.32
C CYS B 84 -1.93 5.98 24.93
N ALA B 85 -3.14 6.08 24.37
CA ALA B 85 -3.68 7.33 24.09
C ALA B 85 -3.75 8.14 25.37
N ALA B 86 -4.29 7.57 26.42
CA ALA B 86 -4.41 8.32 27.67
C ALA B 86 -3.00 8.68 28.22
N ASP B 87 -2.03 7.78 28.17
CA ASP B 87 -0.72 8.13 28.70
C ASP B 87 -0.05 9.23 27.87
N LEU B 88 -0.41 9.34 26.60
CA LEU B 88 0.20 10.31 25.71
C LEU B 88 -0.55 11.62 25.72
N GLY B 89 -1.49 11.79 26.62
CA GLY B 89 -2.09 13.10 26.81
C GLY B 89 -3.35 13.37 25.98
N LEU B 90 -3.79 12.40 25.17
CA LEU B 90 -4.88 12.54 24.22
C LEU B 90 -6.28 12.57 24.80
N ASN B 91 -6.51 13.53 25.68
CA ASN B 91 -7.72 13.62 26.40
C ASN B 91 -8.89 14.39 25.70
N LYS B 92 -8.68 14.96 24.51
CA LYS B 92 -9.69 15.57 23.76
C LYS B 92 -10.18 14.62 22.71
N GLY B 93 -9.52 13.48 22.54
CA GLY B 93 -9.97 12.58 21.57
C GLY B 93 -8.99 11.99 20.65
N TYR B 94 -9.42 10.98 19.91
CA TYR B 94 -8.57 10.27 18.99
C TYR B 94 -9.33 9.40 18.10
N ARG B 95 -8.68 8.84 17.10
CA ARG B 95 -9.34 7.91 16.17
C ARG B 95 -8.55 6.65 15.99
N MET B 96 -9.19 5.46 16.02
CA MET B 96 -8.55 4.14 15.75
C MET B 96 -8.91 3.57 14.46
N VAL B 97 -7.97 3.02 13.74
CA VAL B 97 -8.26 2.61 12.34
C VAL B 97 -7.57 1.34 12.06
N VAL B 98 -8.21 0.43 11.39
CA VAL B 98 -7.62 -0.74 10.85
C VAL B 98 -7.95 -0.80 9.42
N ASN B 99 -6.99 -1.02 8.58
CA ASN B 99 -7.19 -1.13 7.18
C ASN B 99 -7.08 -2.52 6.69
N GLU B 100 -7.90 -2.92 5.75
CA GLU B 100 -7.82 -4.24 5.17
C GLU B 100 -7.75 -4.24 3.66
N GLY B 101 -6.71 -4.80 3.10
CA GLY B 101 -6.67 -4.98 1.62
C GLY B 101 -6.43 -3.69 0.87
N SER B 102 -6.49 -3.75 -0.45
CA SER B 102 -6.10 -2.57 -1.23
C SER B 102 -7.14 -1.43 -1.13
N ASP B 103 -8.43 -1.73 -1.17
CA ASP B 103 -9.47 -0.68 -0.94
C ASP B 103 -9.33 0.01 0.41
N GLY B 104 -8.87 -0.70 1.41
CA GLY B 104 -8.67 -0.12 2.72
C GLY B 104 -7.34 0.52 2.86
N GLY B 105 -6.51 0.35 1.88
CA GLY B 105 -5.26 1.06 1.80
C GLY B 105 -4.22 0.37 2.64
N GLN B 106 -4.39 -0.93 2.87
CA GLN B 106 -3.48 -1.66 3.72
C GLN B 106 -2.25 -1.84 2.88
N SER B 107 -1.09 -1.59 3.47
CA SER B 107 0.12 -2.11 2.74
C SER B 107 1.26 -2.90 3.42
N VAL B 108 1.32 -2.89 4.76
CA VAL B 108 2.08 -3.87 5.44
C VAL B 108 1.09 -4.99 5.77
N TYR B 109 1.43 -6.21 5.29
CA TYR B 109 0.64 -7.43 5.49
C TYR B 109 0.94 -8.12 6.85
N HIS B 110 0.75 -7.36 7.92
CA HIS B 110 0.78 -7.78 9.32
C HIS B 110 -0.20 -6.82 9.98
N VAL B 111 -1.27 -7.36 10.54
CA VAL B 111 -2.34 -6.61 11.15
C VAL B 111 -1.87 -5.57 12.10
N HIS B 112 -2.46 -4.38 12.05
CA HIS B 112 -2.03 -3.18 12.90
C HIS B 112 -3.21 -2.22 13.04
N LEU B 113 -3.28 -1.65 14.22
CA LEU B 113 -4.20 -0.72 14.55
C LEU B 113 -3.52 0.69 14.54
N HIS B 114 -4.01 1.70 13.73
CA HIS B 114 -3.54 3.09 13.89
C HIS B 114 -4.26 3.75 14.92
N VAL B 115 -3.61 4.53 15.67
CA VAL B 115 -4.26 5.48 16.61
C VAL B 115 -3.76 6.92 16.34
N LEU B 116 -4.69 7.82 16.08
CA LEU B 116 -4.37 9.24 15.71
C LEU B 116 -5.05 10.24 16.60
N GLY B 117 -4.37 11.25 17.00
CA GLY B 117 -4.98 12.39 17.67
C GLY B 117 -4.04 13.60 17.75
N GLY B 118 -4.41 14.51 18.61
CA GLY B 118 -3.71 15.79 18.70
C GLY B 118 -4.19 16.91 17.73
N ARG B 119 -5.25 16.66 16.97
CA ARG B 119 -5.91 17.64 16.14
C ARG B 119 -7.33 17.09 15.82
N GLN B 120 -8.16 17.93 15.22
CA GLN B 120 -9.49 17.58 14.86
C GLN B 120 -9.40 16.62 13.71
N MET B 121 -10.00 15.45 13.85
CA MET B 121 -10.10 14.51 12.74
C MET B 121 -11.44 14.75 11.97
N HIS B 122 -11.42 14.43 10.69
CA HIS B 122 -12.42 14.81 9.83
C HIS B 122 -13.33 13.63 9.46
N TRP B 123 -14.49 13.90 8.92
CA TRP B 123 -15.32 12.88 8.37
C TRP B 123 -15.58 13.17 6.92
N PRO B 124 -15.53 12.27 5.98
CA PRO B 124 -15.43 10.84 6.17
C PRO B 124 -13.97 10.45 6.42
N PRO B 125 -13.70 9.23 6.91
CA PRO B 125 -12.29 8.87 7.39
C PRO B 125 -11.52 8.25 6.28
N GLY B 126 -11.21 9.13 5.33
CA GLY B 126 -10.74 8.75 4.00
C GLY B 126 -11.88 8.22 3.14
N GLY C 15 21.59 -8.39 -34.99
CA GLY C 15 20.47 -9.35 -35.06
C GLY C 15 19.09 -8.72 -34.97
N ASP C 16 18.10 -9.48 -35.41
CA ASP C 16 16.70 -9.04 -35.46
C ASP C 16 15.74 -9.91 -34.69
N THR C 17 14.67 -9.29 -34.22
CA THR C 17 13.71 -9.91 -33.36
C THR C 17 12.33 -9.67 -33.89
N ILE C 18 11.38 -10.35 -33.29
CA ILE C 18 10.00 -10.13 -33.57
C ILE C 18 9.55 -8.68 -33.36
N PHE C 19 10.16 -7.95 -32.43
CA PHE C 19 9.77 -6.53 -32.19
C PHE C 19 10.20 -5.59 -33.29
N GLY C 20 11.33 -5.92 -33.91
CA GLY C 20 11.69 -5.37 -35.15
C GLY C 20 10.58 -5.52 -36.17
N LYS C 21 10.05 -6.71 -36.34
CA LYS C 21 9.03 -6.93 -37.36
C LYS C 21 7.79 -6.14 -37.06
N ILE C 22 7.52 -5.87 -35.81
CA ILE C 22 6.32 -5.12 -35.45
C ILE C 22 6.51 -3.63 -35.81
N ILE C 23 7.73 -3.15 -35.58
CA ILE C 23 8.11 -1.81 -35.90
C ILE C 23 8.05 -1.57 -37.40
N ARG C 24 8.61 -2.46 -38.19
CA ARG C 24 8.54 -2.37 -39.64
C ARG C 24 7.19 -2.69 -40.19
N LYS C 25 6.17 -2.94 -39.37
CA LYS C 25 4.80 -3.29 -39.82
C LYS C 25 4.71 -4.57 -40.64
N GLU C 26 5.65 -5.48 -40.46
CA GLU C 26 5.68 -6.74 -41.21
C GLU C 26 4.78 -7.82 -40.61
N ILE C 27 4.40 -7.68 -39.35
CA ILE C 27 3.39 -8.52 -38.74
C ILE C 27 2.50 -7.64 -37.92
N PRO C 28 1.23 -8.04 -37.79
CA PRO C 28 0.26 -7.17 -37.15
C PRO C 28 0.43 -7.14 -35.65
N ALA C 29 -0.03 -6.06 -35.08
CA ALA C 29 -0.11 -5.84 -33.64
C ALA C 29 -1.22 -4.77 -33.47
N LYS C 30 -1.78 -4.70 -32.26
CA LYS C 30 -2.78 -3.68 -31.93
C LYS C 30 -2.09 -2.49 -31.32
N ILE C 31 -1.87 -1.48 -32.16
CA ILE C 31 -1.02 -0.36 -31.83
C ILE C 31 -1.82 0.62 -31.07
N ILE C 32 -1.27 1.09 -29.97
CA ILE C 32 -1.93 2.03 -29.13
C ILE C 32 -1.46 3.45 -29.46
N PHE C 33 -0.17 3.59 -29.77
CA PHE C 33 0.53 4.88 -29.89
C PHE C 33 1.89 4.73 -30.65
N GLU C 34 2.19 5.69 -31.49
CA GLU C 34 3.41 5.69 -32.20
C GLU C 34 3.88 7.12 -32.38
N ASP C 35 5.19 7.29 -32.27
CA ASP C 35 5.83 8.53 -32.62
C ASP C 35 7.12 8.29 -33.29
N ASP C 36 7.94 9.31 -33.51
CA ASP C 36 9.19 9.04 -34.19
C ASP C 36 10.27 8.22 -33.39
N ARG C 37 10.16 8.07 -32.06
CA ARG C 37 11.21 7.39 -31.27
C ARG C 37 10.72 6.05 -30.63
N CYS C 38 9.40 5.82 -30.56
CA CYS C 38 8.83 4.69 -29.88
C CYS C 38 7.44 4.24 -30.36
N LEU C 39 7.07 3.04 -29.87
CA LEU C 39 5.87 2.34 -30.28
C LEU C 39 5.27 1.63 -29.12
N ALA C 40 3.99 1.86 -28.84
CA ALA C 40 3.26 1.10 -27.84
C ALA C 40 2.17 0.21 -28.42
N PHE C 41 2.13 -1.04 -27.96
CA PHE C 41 1.14 -1.98 -28.44
C PHE C 41 0.79 -3.04 -27.41
N HIS C 42 -0.36 -3.63 -27.64
CA HIS C 42 -0.87 -4.66 -26.76
C HIS C 42 0.02 -5.91 -26.79
N ASP C 43 0.33 -6.43 -25.60
CA ASP C 43 1.01 -7.72 -25.44
C ASP C 43 0.13 -8.88 -25.91
N ILE C 44 0.74 -9.75 -26.69
CA ILE C 44 0.03 -10.92 -27.22
C ILE C 44 -0.28 -12.05 -26.23
N SER C 45 0.48 -12.14 -25.14
N SER C 45 0.49 -12.16 -25.14
CA SER C 45 0.18 -12.99 -24.02
CA SER C 45 0.18 -13.02 -24.00
C SER C 45 -0.06 -12.15 -22.77
C SER C 45 -0.06 -12.16 -22.77
N PRO C 46 -1.23 -11.52 -22.68
CA PRO C 46 -1.46 -10.63 -21.54
C PRO C 46 -1.51 -11.34 -20.19
N GLN C 47 -0.94 -10.72 -19.18
CA GLN C 47 -0.89 -11.21 -17.81
C GLN C 47 -1.80 -10.36 -16.92
N ALA C 48 -2.58 -9.46 -17.53
CA ALA C 48 -3.53 -8.59 -16.81
C ALA C 48 -4.59 -8.14 -17.79
N PRO C 49 -5.76 -7.76 -17.32
CA PRO C 49 -6.81 -7.31 -18.23
C PRO C 49 -6.37 -6.21 -19.18
N THR C 50 -5.55 -5.28 -18.74
CA THR C 50 -4.79 -4.50 -19.70
C THR C 50 -3.28 -4.82 -19.55
N HIS C 51 -2.61 -5.15 -20.65
CA HIS C 51 -1.16 -5.36 -20.63
C HIS C 51 -0.61 -4.88 -21.96
N PHE C 52 0.26 -3.88 -21.95
CA PHE C 52 0.92 -3.48 -23.21
C PHE C 52 2.41 -3.21 -23.06
N LEU C 53 3.07 -3.05 -24.21
CA LEU C 53 4.49 -2.76 -24.24
C LEU C 53 4.80 -1.41 -24.89
N VAL C 54 5.84 -0.76 -24.41
CA VAL C 54 6.40 0.38 -25.06
C VAL C 54 7.82 0.03 -25.38
N ILE C 55 8.14 0.12 -26.66
CA ILE C 55 9.48 -0.08 -27.13
C ILE C 55 10.07 1.11 -27.90
N PRO C 56 11.40 1.25 -27.87
CA PRO C 56 12.04 2.25 -28.68
C PRO C 56 12.21 1.75 -30.09
N LYS C 57 12.17 2.62 -31.08
CA LYS C 57 12.48 2.24 -32.47
C LYS C 57 13.96 1.96 -32.68
N LYS C 58 14.82 2.60 -31.90
CA LYS C 58 16.23 2.26 -31.90
C LYS C 58 16.49 0.85 -31.32
N HIS C 59 17.34 0.03 -31.97
CA HIS C 59 17.66 -1.41 -31.52
C HIS C 59 18.67 -1.38 -30.38
N ILE C 60 18.19 -1.29 -29.13
CA ILE C 60 18.99 -1.56 -27.95
C ILE C 60 18.55 -2.96 -27.54
N SER C 61 19.48 -3.88 -27.58
CA SER C 61 19.13 -5.27 -27.29
C SER C 61 18.61 -5.49 -25.85
N GLN C 62 19.09 -4.70 -24.89
CA GLN C 62 18.70 -4.86 -23.47
C GLN C 62 19.21 -3.69 -22.64
N ILE C 63 18.52 -3.42 -21.56
CA ILE C 63 18.84 -2.27 -20.73
C ILE C 63 20.33 -2.21 -20.25
N SER C 64 20.95 -3.35 -20.00
CA SER C 64 22.34 -3.37 -19.48
C SER C 64 23.36 -2.74 -20.42
N VAL C 65 23.04 -2.70 -21.73
CA VAL C 65 23.93 -2.12 -22.71
C VAL C 65 23.46 -0.74 -23.21
N ALA C 66 22.39 -0.19 -22.65
CA ALA C 66 21.98 1.17 -22.92
C ALA C 66 23.09 2.11 -22.41
N GLU C 67 23.34 3.14 -23.19
CA GLU C 67 24.36 4.12 -22.84
C GLU C 67 23.76 5.40 -22.25
N ASP C 68 24.63 6.28 -21.73
CA ASP C 68 24.21 7.53 -21.03
C ASP C 68 23.41 8.51 -21.91
N ASP C 69 23.69 8.50 -23.19
CA ASP C 69 22.94 9.28 -24.14
C ASP C 69 21.60 8.59 -24.61
N ASP C 70 21.23 7.43 -24.05
CA ASP C 70 19.88 6.82 -24.22
C ASP C 70 18.88 7.22 -23.09
N GLU C 71 19.34 8.05 -22.16
CA GLU C 71 18.57 8.48 -21.00
C GLU C 71 17.23 9.10 -21.39
N SER C 72 17.28 10.06 -22.30
CA SER C 72 16.06 10.75 -22.78
C SER C 72 15.06 9.79 -23.39
N LEU C 73 15.58 8.93 -24.21
CA LEU C 73 14.76 7.92 -24.80
C LEU C 73 14.07 6.98 -23.75
N LEU C 74 14.81 6.49 -22.74
CA LEU C 74 14.20 5.57 -21.77
C LEU C 74 13.15 6.27 -20.94
N GLY C 75 13.47 7.50 -20.58
CA GLY C 75 12.47 8.37 -19.99
C GLY C 75 11.22 8.55 -20.83
N HIS C 76 11.41 8.78 -22.13
CA HIS C 76 10.29 8.89 -23.08
C HIS C 76 9.38 7.63 -23.05
N LEU C 77 9.98 6.44 -22.96
CA LEU C 77 9.18 5.25 -22.88
C LEU C 77 8.24 5.27 -21.68
N MET C 78 8.71 5.69 -20.51
CA MET C 78 7.87 5.76 -19.32
C MET C 78 6.79 6.78 -19.38
N ILE C 79 7.07 7.97 -19.90
CA ILE C 79 6.07 9.02 -20.07
C ILE C 79 5.01 8.56 -21.07
N VAL C 80 5.41 7.91 -22.14
CA VAL C 80 4.44 7.28 -23.07
C VAL C 80 3.59 6.20 -22.36
N GLY C 81 4.25 5.35 -21.58
CA GLY C 81 3.55 4.38 -20.84
C GLY C 81 2.44 4.98 -20.00
N LYS C 82 2.75 6.01 -19.27
CA LYS C 82 1.79 6.48 -18.32
C LYS C 82 0.70 7.26 -18.97
N LYS C 83 1.04 7.84 -20.10
CA LYS C 83 0.01 8.47 -20.92
C LYS C 83 -0.95 7.48 -21.55
N CYS C 84 -0.44 6.40 -22.11
CA CYS C 84 -1.31 5.33 -22.60
C CYS C 84 -2.10 4.67 -21.49
N ALA C 85 -1.49 4.51 -20.31
CA ALA C 85 -2.21 4.00 -19.17
C ALA C 85 -3.47 4.87 -18.87
N ALA C 86 -3.30 6.19 -18.85
CA ALA C 86 -4.43 7.08 -18.60
C ALA C 86 -5.45 7.02 -19.73
N ASP C 87 -5.00 6.98 -20.99
CA ASP C 87 -5.93 6.85 -22.13
C ASP C 87 -6.67 5.52 -22.17
N LEU C 88 -6.09 4.44 -21.62
CA LEU C 88 -6.76 3.14 -21.53
C LEU C 88 -7.64 2.96 -20.31
N GLY C 89 -7.83 3.98 -19.49
CA GLY C 89 -8.77 3.91 -18.39
C GLY C 89 -8.17 3.45 -17.07
N LEU C 90 -6.85 3.20 -17.02
CA LEU C 90 -6.18 2.64 -15.84
C LEU C 90 -5.96 3.58 -14.68
N ASN C 91 -7.05 4.09 -14.20
CA ASN C 91 -6.96 5.15 -13.24
C ASN C 91 -6.87 4.66 -11.80
N LYS C 92 -6.94 3.37 -11.56
CA LYS C 92 -6.76 2.81 -10.23
C LYS C 92 -5.30 2.33 -10.06
N GLY C 93 -4.49 2.32 -11.12
CA GLY C 93 -3.14 1.96 -10.94
C GLY C 93 -2.64 1.02 -11.98
N TYR C 94 -1.34 0.81 -11.92
CA TYR C 94 -0.69 -0.03 -12.88
C TYR C 94 0.74 -0.25 -12.47
N ARG C 95 1.42 -1.16 -13.15
CA ARG C 95 2.81 -1.50 -12.79
C ARG C 95 3.60 -1.54 -14.04
N MET C 96 4.77 -0.91 -13.99
CA MET C 96 5.71 -0.92 -15.12
C MET C 96 6.87 -1.84 -14.80
N VAL C 97 7.32 -2.56 -15.78
CA VAL C 97 8.37 -3.46 -15.56
C VAL C 97 9.34 -3.43 -16.72
N VAL C 98 10.65 -3.50 -16.45
CA VAL C 98 11.63 -3.82 -17.48
C VAL C 98 12.45 -5.00 -17.02
N ASN C 99 12.62 -5.96 -17.89
CA ASN C 99 13.36 -7.19 -17.52
C ASN C 99 14.70 -7.22 -18.19
N GLU C 100 15.71 -7.70 -17.48
CA GLU C 100 17.00 -7.81 -18.07
C GLU C 100 17.59 -9.23 -17.91
N GLY C 101 17.95 -9.88 -19.03
CA GLY C 101 18.68 -11.15 -18.97
C GLY C 101 17.80 -12.29 -18.52
N SER C 102 18.43 -13.43 -18.30
CA SER C 102 17.64 -14.66 -18.04
C SER C 102 17.03 -14.67 -16.63
N ASP C 103 17.77 -14.22 -15.59
CA ASP C 103 17.19 -14.07 -14.22
C ASP C 103 16.02 -13.09 -14.19
N GLY C 104 16.06 -12.04 -15.02
CA GLY C 104 14.94 -11.11 -15.10
C GLY C 104 13.81 -11.59 -16.00
N GLY C 105 14.05 -12.66 -16.73
CA GLY C 105 13.02 -13.33 -17.48
C GLY C 105 12.83 -12.58 -18.77
N GLN C 106 13.87 -11.93 -19.26
CA GLN C 106 13.77 -11.24 -20.51
C GLN C 106 13.60 -12.24 -21.62
N SER C 107 12.58 -12.05 -22.43
CA SER C 107 12.37 -12.95 -23.53
C SER C 107 12.88 -12.50 -24.90
N VAL C 108 12.47 -11.31 -25.26
CA VAL C 108 12.87 -10.74 -26.53
C VAL C 108 14.05 -9.81 -26.28
N TYR C 109 15.12 -9.98 -27.06
CA TYR C 109 16.32 -9.14 -26.94
C TYR C 109 16.25 -7.80 -27.76
N HIS C 110 15.24 -7.00 -27.42
CA HIS C 110 15.00 -5.62 -27.87
C HIS C 110 14.29 -4.97 -26.67
N VAL C 111 14.91 -3.94 -26.08
CA VAL C 111 14.44 -3.36 -24.81
C VAL C 111 12.98 -3.04 -24.88
N HIS C 112 12.24 -3.29 -23.81
CA HIS C 112 10.79 -3.04 -23.76
C HIS C 112 10.33 -2.82 -22.35
N LEU C 113 9.33 -1.99 -22.22
CA LEU C 113 8.77 -1.68 -20.97
C LEU C 113 7.41 -2.33 -20.96
N HIS C 114 7.12 -3.20 -19.99
CA HIS C 114 5.78 -3.67 -19.79
C HIS C 114 4.98 -2.77 -18.93
N VAL C 115 3.72 -2.64 -19.26
CA VAL C 115 2.76 -1.93 -18.41
C VAL C 115 1.52 -2.81 -18.20
N LEU C 116 1.18 -3.02 -16.93
CA LEU C 116 0.09 -3.89 -16.57
C LEU C 116 -0.89 -3.27 -15.62
N GLY C 117 -2.15 -3.51 -15.83
CA GLY C 117 -3.14 -3.10 -14.86
C GLY C 117 -4.50 -3.72 -15.16
N GLY C 118 -5.51 -3.20 -14.48
CA GLY C 118 -6.87 -3.74 -14.60
C GLY C 118 -7.18 -4.79 -13.57
N ARG C 119 -6.25 -5.04 -12.65
CA ARG C 119 -6.49 -5.93 -11.52
C ARG C 119 -5.44 -5.63 -10.46
N GLN C 120 -5.60 -6.20 -9.27
CA GLN C 120 -4.69 -5.97 -8.20
C GLN C 120 -3.41 -6.73 -8.51
N MET C 121 -2.28 -6.02 -8.50
CA MET C 121 -0.96 -6.59 -8.70
C MET C 121 -0.41 -6.94 -7.33
N HIS C 122 0.36 -8.00 -7.26
CA HIS C 122 0.79 -8.59 -5.99
C HIS C 122 2.27 -8.36 -5.76
N TRP C 123 2.71 -8.55 -4.54
CA TRP C 123 4.12 -8.37 -4.18
C TRP C 123 4.59 -9.65 -3.57
N PRO C 124 5.74 -10.20 -3.89
CA PRO C 124 6.79 -9.65 -4.74
C PRO C 124 6.43 -9.76 -6.20
N PRO C 125 7.15 -9.09 -7.11
CA PRO C 125 6.73 -9.01 -8.50
C PRO C 125 7.43 -10.04 -9.29
N GLY C 126 7.02 -11.28 -9.06
CA GLY C 126 7.71 -12.45 -9.59
C GLY C 126 8.80 -12.82 -8.60
N GLY D 14 12.89 16.15 -0.51
CA GLY D 14 12.03 15.04 -1.05
C GLY D 14 10.63 14.81 -0.46
N GLY D 15 10.00 15.86 0.03
CA GLY D 15 8.61 15.71 0.57
C GLY D 15 8.44 15.16 2.00
N ASP D 16 7.18 15.13 2.45
CA ASP D 16 6.83 14.60 3.78
C ASP D 16 6.57 13.07 3.77
N THR D 17 7.37 12.30 3.03
CA THR D 17 7.31 10.86 3.06
C THR D 17 8.59 10.36 3.68
N ILE D 18 8.62 9.07 3.98
CA ILE D 18 9.81 8.34 4.43
C ILE D 18 11.01 8.56 3.52
N PHE D 19 10.77 8.64 2.21
CA PHE D 19 11.85 8.75 1.26
C PHE D 19 12.50 10.11 1.27
N GLY D 20 11.71 11.13 1.57
CA GLY D 20 12.20 12.42 1.93
C GLY D 20 13.19 12.34 3.07
N LYS D 21 12.81 11.66 4.14
CA LYS D 21 13.69 11.56 5.30
C LYS D 21 14.97 10.83 5.02
N ILE D 22 14.96 9.91 4.08
CA ILE D 22 16.18 9.24 3.68
C ILE D 22 17.11 10.19 2.90
N ILE D 23 16.49 11.00 2.05
CA ILE D 23 17.18 12.00 1.26
C ILE D 23 17.84 13.04 2.13
N ARG D 24 17.10 13.53 3.12
CA ARG D 24 17.66 14.45 4.12
C ARG D 24 18.51 13.79 5.25
N LYS D 25 18.83 12.50 5.18
CA LYS D 25 19.67 11.81 6.21
C LYS D 25 19.02 11.81 7.63
N GLU D 26 17.67 11.93 7.70
CA GLU D 26 16.86 11.78 8.97
C GLU D 26 16.62 10.34 9.44
N ILE D 27 16.67 9.38 8.52
CA ILE D 27 16.45 7.95 8.77
C ILE D 27 17.69 7.30 8.21
N PRO D 28 18.29 6.26 8.85
CA PRO D 28 19.42 5.58 8.15
C PRO D 28 18.95 4.73 6.97
N ALA D 29 19.85 4.55 6.00
CA ALA D 29 19.71 3.68 4.86
C ALA D 29 21.13 3.32 4.36
N LYS D 30 21.26 2.16 3.70
CA LYS D 30 22.52 1.73 3.15
C LYS D 30 22.58 2.20 1.74
N ILE D 31 23.30 3.32 1.57
CA ILE D 31 23.37 4.08 0.32
C ILE D 31 24.35 3.46 -0.62
N ILE D 32 23.94 3.25 -1.85
CA ILE D 32 24.74 2.60 -2.87
C ILE D 32 25.38 3.64 -3.75
N PHE D 33 24.64 4.72 -4.01
CA PHE D 33 25.02 5.73 -4.96
C PHE D 33 24.22 7.03 -4.75
N GLU D 34 24.88 8.15 -4.93
CA GLU D 34 24.22 9.42 -4.83
C GLU D 34 24.82 10.42 -5.79
N ASP D 35 23.94 11.22 -6.39
CA ASP D 35 24.38 12.34 -7.22
C ASP D 35 23.49 13.50 -7.02
N ASP D 36 23.62 14.54 -7.83
CA ASP D 36 22.81 15.72 -7.58
C ASP D 36 21.30 15.53 -7.88
N ARG D 37 20.89 14.49 -8.62
CA ARG D 37 19.45 14.32 -9.00
C ARG D 37 18.76 13.06 -8.44
N CYS D 38 19.52 12.10 -7.93
CA CYS D 38 18.99 10.87 -7.44
C CYS D 38 19.84 10.16 -6.39
N LEU D 39 19.19 9.18 -5.78
CA LEU D 39 19.73 8.42 -4.68
C LEU D 39 19.36 6.96 -4.84
N ALA D 40 20.32 6.04 -4.80
CA ALA D 40 20.05 4.61 -4.69
C ALA D 40 20.43 4.01 -3.33
N PHE D 41 19.55 3.18 -2.79
CA PHE D 41 19.79 2.49 -1.55
C PHE D 41 19.06 1.13 -1.41
N HIS D 42 19.55 0.31 -0.49
CA HIS D 42 19.01 -1.03 -0.25
C HIS D 42 17.60 -0.99 0.34
N ASP D 43 16.72 -1.83 -0.22
CA ASP D 43 15.37 -2.00 0.31
C ASP D 43 15.43 -2.75 1.65
N ILE D 44 14.68 -2.23 2.61
CA ILE D 44 14.68 -2.73 3.93
C ILE D 44 13.95 -4.03 4.07
N SER D 45 13.01 -4.32 3.16
CA SER D 45 12.31 -5.63 3.11
C SER D 45 12.61 -6.29 1.79
N PRO D 46 13.85 -6.79 1.61
CA PRO D 46 14.23 -7.31 0.29
C PRO D 46 13.40 -8.53 -0.14
N GLN D 47 13.03 -8.58 -1.40
CA GLN D 47 12.26 -9.64 -2.04
C GLN D 47 13.16 -10.46 -2.93
N ALA D 48 14.46 -10.22 -2.85
CA ALA D 48 15.46 -10.95 -3.64
C ALA D 48 16.79 -10.79 -2.98
N PRO D 49 17.74 -11.68 -3.26
CA PRO D 49 19.03 -11.58 -2.61
C PRO D 49 19.67 -10.22 -2.80
N THR D 50 19.55 -9.62 -3.97
CA THR D 50 19.82 -8.17 -4.07
C THR D 50 18.53 -7.41 -4.42
N HIS D 51 18.17 -6.39 -3.63
CA HIS D 51 16.97 -5.58 -3.90
C HIS D 51 17.23 -4.16 -3.46
N PHE D 52 17.24 -3.23 -4.38
CA PHE D 52 17.41 -1.78 -4.03
C PHE D 52 16.47 -0.83 -4.76
N LEU D 53 16.47 0.41 -4.30
CA LEU D 53 15.66 1.45 -4.91
C LEU D 53 16.49 2.58 -5.45
N VAL D 54 16.02 3.16 -6.54
CA VAL D 54 16.55 4.40 -7.02
C VAL D 54 15.39 5.40 -6.99
N ILE D 55 15.60 6.50 -6.29
CA ILE D 55 14.66 7.60 -6.28
C ILE D 55 15.25 8.95 -6.75
N PRO D 56 14.39 9.83 -7.29
CA PRO D 56 14.82 11.15 -7.63
C PRO D 56 14.84 11.99 -6.38
N LYS D 57 15.75 12.97 -6.30
CA LYS D 57 15.69 13.99 -5.23
C LYS D 57 14.52 14.96 -5.34
N LYS D 58 14.10 15.24 -6.55
CA LYS D 58 12.90 15.98 -6.75
C LYS D 58 11.65 15.21 -6.27
N HIS D 59 10.74 15.88 -5.57
CA HIS D 59 9.52 15.25 -5.11
C HIS D 59 8.43 15.18 -6.19
N ILE D 60 8.40 14.06 -6.92
CA ILE D 60 7.26 13.65 -7.77
C ILE D 60 6.54 12.51 -7.01
N SER D 61 5.30 12.76 -6.67
CA SER D 61 4.58 11.88 -5.81
C SER D 61 4.32 10.48 -6.45
N GLN D 62 4.17 10.43 -7.75
CA GLN D 62 3.94 9.18 -8.46
C GLN D 62 4.06 9.38 -9.94
N ILE D 63 4.41 8.32 -10.64
CA ILE D 63 4.68 8.42 -12.09
C ILE D 63 3.52 9.02 -12.91
N SER D 64 2.31 8.82 -12.47
CA SER D 64 1.16 9.44 -13.13
C SER D 64 1.13 10.93 -13.34
N VAL D 65 1.75 11.63 -12.41
CA VAL D 65 1.78 13.10 -12.43
C VAL D 65 3.13 13.63 -12.88
N ALA D 66 4.05 12.76 -13.29
CA ALA D 66 5.32 13.21 -13.86
C ALA D 66 5.00 13.98 -15.13
N GLU D 67 5.71 15.11 -15.34
CA GLU D 67 5.51 15.98 -16.52
C GLU D 67 6.53 15.60 -17.57
N ASP D 68 6.30 16.15 -18.74
CA ASP D 68 7.12 15.83 -19.94
C ASP D 68 8.61 16.24 -19.83
N ASP D 69 8.90 17.26 -19.08
CA ASP D 69 10.30 17.62 -18.82
C ASP D 69 10.95 16.78 -17.69
N ASP D 70 10.22 15.88 -17.04
CA ASP D 70 10.82 14.90 -16.11
C ASP D 70 11.43 13.66 -16.83
N GLU D 71 11.28 13.61 -18.16
CA GLU D 71 11.74 12.49 -19.00
C GLU D 71 13.21 12.14 -18.75
N SER D 72 14.06 13.13 -18.81
CA SER D 72 15.48 12.89 -18.61
C SER D 72 15.79 12.34 -17.23
N LEU D 73 15.13 12.90 -16.23
CA LEU D 73 15.30 12.42 -14.87
C LEU D 73 14.88 10.94 -14.71
N LEU D 74 13.72 10.55 -15.26
CA LEU D 74 13.27 9.15 -15.13
C LEU D 74 14.24 8.23 -15.84
N GLY D 75 14.68 8.65 -17.00
CA GLY D 75 15.74 7.94 -17.67
C GLY D 75 16.97 7.76 -16.82
N HIS D 76 17.39 8.82 -16.15
CA HIS D 76 18.56 8.77 -15.29
C HIS D 76 18.40 7.72 -14.20
N LEU D 77 17.20 7.60 -13.64
CA LEU D 77 16.95 6.59 -12.62
C LEU D 77 17.23 5.18 -13.15
N MET D 78 16.81 4.85 -14.38
CA MET D 78 17.10 3.56 -15.00
C MET D 78 18.54 3.31 -15.34
N ILE D 79 19.25 4.32 -15.84
CA ILE D 79 20.69 4.22 -16.09
C ILE D 79 21.47 4.02 -14.78
N VAL D 80 21.07 4.70 -13.72
CA VAL D 80 21.67 4.49 -12.40
C VAL D 80 21.41 3.07 -11.90
N GLY D 81 20.16 2.63 -12.08
CA GLY D 81 19.77 1.32 -11.69
C GLY D 81 20.65 0.28 -12.36
N LYS D 82 20.88 0.41 -13.65
CA LYS D 82 21.60 -0.64 -14.32
C LYS D 82 23.09 -0.56 -14.10
N LYS D 83 23.58 0.63 -13.83
CA LYS D 83 24.95 0.78 -13.37
C LYS D 83 25.17 0.20 -11.97
N CYS D 84 24.28 0.47 -11.02
CA CYS D 84 24.38 -0.16 -9.71
C CYS D 84 24.21 -1.69 -9.77
N ALA D 85 23.35 -2.18 -10.65
CA ALA D 85 23.19 -3.59 -10.82
C ALA D 85 24.53 -4.22 -11.24
N ALA D 86 25.20 -3.62 -12.21
CA ALA D 86 26.50 -4.14 -12.64
C ALA D 86 27.53 -4.05 -11.51
N ASP D 87 27.58 -2.93 -10.78
CA ASP D 87 28.55 -2.81 -9.65
C ASP D 87 28.25 -3.78 -8.49
N LEU D 88 27.00 -4.21 -8.33
CA LEU D 88 26.62 -5.20 -7.29
C LEU D 88 26.74 -6.66 -7.73
N GLY D 89 27.26 -6.93 -8.92
CA GLY D 89 27.52 -8.30 -9.33
C GLY D 89 26.42 -8.96 -10.14
N LEU D 90 25.30 -8.26 -10.41
CA LEU D 90 24.10 -8.85 -11.04
C LEU D 90 24.20 -9.12 -12.54
N ASN D 91 25.15 -9.95 -12.91
CA ASN D 91 25.45 -10.22 -14.30
C ASN D 91 24.61 -11.35 -14.90
N LYS D 92 23.74 -11.99 -14.14
CA LYS D 92 22.81 -12.95 -14.68
C LYS D 92 21.47 -12.27 -15.00
N GLY D 93 21.26 -11.03 -14.60
CA GLY D 93 20.03 -10.41 -14.86
C GLY D 93 19.41 -9.78 -13.65
N TYR D 94 18.33 -9.09 -13.92
CA TYR D 94 17.60 -8.36 -12.89
C TYR D 94 16.30 -7.83 -13.45
N ARG D 95 15.45 -7.36 -12.59
CA ARG D 95 14.18 -6.84 -13.01
C ARG D 95 13.98 -5.46 -12.38
N MET D 96 13.49 -4.49 -13.18
CA MET D 96 13.18 -3.15 -12.69
C MET D 96 11.69 -2.95 -12.64
N VAL D 97 11.20 -2.32 -11.59
CA VAL D 97 9.78 -2.18 -11.43
C VAL D 97 9.45 -0.80 -10.96
N VAL D 98 8.42 -0.19 -11.50
CA VAL D 98 7.83 1.00 -10.93
C VAL D 98 6.34 0.73 -10.68
N ASN D 99 5.86 1.04 -9.48
CA ASN D 99 4.48 0.85 -9.15
C ASN D 99 3.73 2.16 -9.12
N GLU D 100 2.50 2.15 -9.62
CA GLU D 100 1.65 3.34 -9.55
C GLU D 100 0.27 3.09 -8.94
N GLY D 101 -0.05 3.80 -7.87
CA GLY D 101 -1.39 3.74 -7.31
C GLY D 101 -1.68 2.43 -6.59
N SER D 102 -2.94 2.25 -6.19
CA SER D 102 -3.27 1.12 -5.31
C SER D 102 -3.29 -0.21 -6.05
N ASP D 103 -3.80 -0.28 -7.27
CA ASP D 103 -3.64 -1.51 -8.12
C ASP D 103 -2.19 -1.92 -8.36
N GLY D 104 -1.28 -0.97 -8.49
CA GLY D 104 0.12 -1.26 -8.69
C GLY D 104 0.84 -1.53 -7.40
N GLY D 105 0.19 -1.25 -6.29
CA GLY D 105 0.68 -1.60 -5.01
C GLY D 105 1.65 -0.58 -4.52
N GLN D 106 1.50 0.65 -5.00
CA GLN D 106 2.41 1.70 -4.62
C GLN D 106 2.00 2.04 -3.25
N SER D 107 2.96 2.21 -2.37
CA SER D 107 2.54 2.83 -1.12
C SER D 107 3.37 3.92 -0.44
N VAL D 108 4.61 4.16 -0.88
CA VAL D 108 5.23 5.42 -0.59
C VAL D 108 4.96 6.31 -1.78
N TYR D 109 4.35 7.47 -1.50
CA TYR D 109 4.00 8.48 -2.53
C TYR D 109 5.16 9.44 -2.86
N HIS D 110 6.26 8.85 -3.31
CA HIS D 110 7.42 9.51 -3.86
C HIS D 110 7.91 8.48 -4.86
N VAL D 111 7.97 8.86 -6.14
CA VAL D 111 8.33 7.94 -7.22
C VAL D 111 9.62 7.19 -6.95
N HIS D 112 9.65 5.89 -7.26
CA HIS D 112 10.84 5.04 -6.99
C HIS D 112 10.89 3.90 -7.96
N LEU D 113 12.11 3.51 -8.30
CA LEU D 113 12.35 2.40 -9.14
C LEU D 113 12.90 1.26 -8.31
N HIS D 114 12.25 0.09 -8.29
CA HIS D 114 12.83 -1.08 -7.67
C HIS D 114 13.72 -1.77 -8.66
N VAL D 115 14.82 -2.28 -8.16
CA VAL D 115 15.68 -3.22 -8.89
C VAL D 115 15.95 -4.50 -8.07
N LEU D 116 15.67 -5.65 -8.69
CA LEU D 116 15.76 -6.95 -8.02
C LEU D 116 16.55 -7.95 -8.80
N GLY D 117 17.39 -8.71 -8.12
CA GLY D 117 18.07 -9.82 -8.78
C GLY D 117 18.75 -10.71 -7.77
N GLY D 118 19.60 -11.59 -8.29
CA GLY D 118 20.25 -12.61 -7.46
C GLY D 118 19.51 -13.95 -7.39
N ARG D 119 18.38 -14.06 -8.11
CA ARG D 119 17.62 -15.28 -8.21
C ARG D 119 16.75 -15.19 -9.47
N GLN D 120 16.13 -16.30 -9.86
CA GLN D 120 15.22 -16.33 -11.00
C GLN D 120 13.96 -15.60 -10.64
N MET D 121 13.57 -14.63 -11.45
CA MET D 121 12.33 -13.92 -11.26
C MET D 121 11.27 -14.63 -12.07
N HIS D 122 10.04 -14.57 -11.63
CA HIS D 122 8.94 -15.29 -12.21
C HIS D 122 8.02 -14.42 -13.03
N TRP D 123 7.20 -15.01 -13.85
CA TRP D 123 6.21 -14.28 -14.62
C TRP D 123 4.83 -14.85 -14.27
N PRO D 124 3.77 -14.08 -14.06
CA PRO D 124 3.65 -12.65 -14.23
C PRO D 124 4.30 -11.94 -13.06
N PRO D 125 4.56 -10.64 -13.16
CA PRO D 125 5.33 -9.93 -12.15
C PRO D 125 4.43 -9.33 -11.11
N GLY D 126 3.84 -10.20 -10.33
CA GLY D 126 2.69 -9.84 -9.50
C GLY D 126 1.32 -9.94 -10.20
P AMP E . -1.59 0.71 6.44
O1P AMP E . -2.60 0.80 7.54
O2P AMP E . -1.63 1.90 5.55
O3P AMP E . -1.48 -0.66 5.80
O5' AMP E . -0.20 0.80 7.26
C5' AMP E . 1.09 1.21 6.75
C4' AMP E . 1.77 2.09 7.83
O4' AMP E . 2.99 1.49 8.30
C3' AMP E . 2.10 3.52 7.37
O3' AMP E . 1.41 4.42 8.25
C2' AMP E . 3.60 3.63 7.52
O2' AMP E . 4.00 4.96 7.90
C1' AMP E . 3.89 2.57 8.60
N9 AMP E . 5.31 2.17 8.64
C8 AMP E . 6.01 1.63 7.62
N7 AMP E . 7.30 1.40 7.99
C5 AMP E . 7.44 1.82 9.26
C6 AMP E . 8.54 1.86 10.25
N6 AMP E . 9.78 1.41 9.91
N1 AMP E . 8.28 2.36 11.49
C2 AMP E . 7.05 2.82 11.83
N3 AMP E . 5.99 2.81 10.96
C4 AMP E . 6.12 2.32 9.69
N46 JB6 F . 9.96 1.22 9.87
C43 JB6 F . 8.83 1.78 10.37
N44 JB6 F . 8.74 2.26 11.66
C47 JB6 F . 7.58 2.82 12.13
N41 JB6 F . 6.46 2.92 11.37
C38 JB6 F . 6.42 2.47 10.08
C39 JB6 F . 7.63 1.86 9.51
N40 JB6 F . 7.33 1.50 8.24
C37 JB6 F . 6.05 1.84 8.01
N36 JB6 F . 5.51 2.40 9.12
C32 JB6 F . 4.15 2.97 9.25
O33 JB6 F . 3.08 2.10 8.93
C31 JB6 F . 4.00 4.15 8.26
O35 JB6 F . 4.36 5.43 8.76
C30 JB6 F . 2.55 4.19 7.86
O34 JB6 F . 1.76 5.23 8.39
C29 JB6 F . 1.99 2.91 8.45
C28 JB6 F . 1.18 2.33 7.34
C4 JB6 F . 1.03 0.84 7.45
O10 JB6 F . 1.82 0.38 6.38
P6 JB6 F . 1.37 0.71 4.89
S8 JB6 F . -0.57 1.46 4.76
O9 JB6 F . 1.20 -0.64 4.40
O4 JB6 F . 2.54 1.54 4.12
C2 JB6 F . 3.90 1.64 4.59
C1 JB6 F . 4.87 0.69 3.85
O1 JB6 F . 6.21 1.16 4.02
C3 JB6 F . 4.56 0.65 2.37
O5 JB6 F . 5.58 0.06 1.56
P7 JB6 F . 5.85 0.66 0.07
S13 JB6 F . 5.20 -0.43 -1.57
O12 JB6 F . 5.17 1.94 -0.10
O14 JB6 F . 7.41 0.96 -0.08
C5 JB6 F . 8.15 0.82 -1.30
C6 JB6 F . 9.45 0.10 -0.97
O11 JB6 F . 10.21 0.91 -0.07
C7 JB6 F . 9.19 -1.26 -0.30
O15 JB6 F . 9.86 -2.35 -0.97
C8 JB6 F . 9.68 -1.06 1.12
O17 JB6 F . 10.30 -2.24 1.67
C9 JB6 F . 10.68 0.09 0.98
N18 JB6 F . 10.92 0.81 2.24
C19 JB6 F . 10.01 1.26 3.13
N22 JB6 F . 10.63 1.83 4.19
C21 JB6 F . 11.96 1.76 3.98
C20 JB6 F . 12.15 1.07 2.70
N25 JB6 F . 13.42 0.85 2.25
C26 JB6 F . 14.50 1.26 2.97
N24 JB6 F . 14.40 1.89 4.16
C23 JB6 F . 13.18 2.17 4.70
N27 JB6 F . 13.04 2.80 5.89
P AMP G . 6.01 0.46 -3.28
O1P AMP G . 5.61 1.90 -3.09
O2P AMP G . 6.12 0.08 -4.72
O3P AMP G . 5.29 -0.48 -2.36
O5' AMP G . 7.54 0.39 -2.76
C5' AMP G . 7.88 0.79 -1.44
C4' AMP G . 9.18 0.14 -0.98
O4' AMP G . 9.86 0.99 -0.05
C3' AMP G . 9.00 -1.22 -0.29
O3' AMP G . 9.67 -2.27 -0.99
C2' AMP G . 9.58 -1.03 1.11
O2' AMP G . 10.28 -2.18 1.59
C1' AMP G . 10.51 0.17 0.93
N9 AMP G . 10.81 0.85 2.21
C8 AMP G . 9.93 1.29 3.12
N7 AMP G . 10.56 1.84 4.18
C5 AMP G . 11.88 1.77 3.95
C6 AMP G . 13.13 2.17 4.66
N6 AMP G . 13.05 2.77 5.86
N1 AMP G . 14.33 1.89 4.07
C2 AMP G . 14.41 1.28 2.87
N3 AMP G . 13.31 0.89 2.17
C4 AMP G . 12.05 1.11 2.64
#